data_6BQG
#
_entry.id   6BQG
#
_cell.length_a   49.840
_cell.length_b   94.580
_cell.length_c   145.160
_cell.angle_alpha   90.00
_cell.angle_beta   90.00
_cell.angle_gamma   90.00
#
_symmetry.space_group_name_H-M   'P 2 21 2'
#
loop_
_entity.id
_entity.type
_entity.pdbx_description
1 polymer '5-hydroxytryptamine receptor 2C,Soluble cytochrome b562'
2 non-polymer Ergotamine
3 non-polymer '(2R)-2,3-dihydroxypropyl (9Z)-octadec-9-enoate'
#
_entity_poly.entity_id   1
_entity_poly.type   'polypeptide(L)'
_entity_poly.pdbx_seq_one_letter_code
;MKTIIALSYIFCLVFADYKDDDDGAPTSDGGRFKFPDGVQNWPALSIVIIIIMTIGGNILVIMAVSMEKKLHNATNYFLM
SLAIADMLVGLLVMPLSLLAILYDYVWPLPRYLCPVWISLDVLFSTASIMHLCAISLDRYVAIRNPIEHSRFNSRTKAIM
KIAIVWAISIGVSVPIPVIGLRDEEKVFVNNTTCVLNDPNFVLIGSFVAFFIPLTIMVITYCLTIYVLRRQAADLEDNWE
TLNDNLKVIEKADNAAQVKDALTKMRAAALDAQKATPPKLEDKSPDSPEMKDFRHGFDILVGQIDDALKLANEGKVKEAQ
AAAEQLKTTRNAYIQKYLQAINNERKASKVLGIVFFVFLIMWCPFFITNILSVLCEKSCNQKLMEKLLNVFVWIGYVNSG
INPLVYTLFNKIYRRAFSNYLRCNYKVEKKPGRPLEVLFQGPHHHHHHHHHH
;
_entity_poly.pdbx_strand_id   A
#
loop_
_chem_comp.id
_chem_comp.type
_chem_comp.name
_chem_comp.formula
ERM non-polymer Ergotamine 'C33 H35 N5 O5'
OLC non-polymer '(2R)-2,3-dihydroxypropyl (9Z)-octadec-9-enoate' 'C21 H40 O4'
#
# COMPACT_ATOMS: atom_id res chain seq x y z
N GLY A 30 13.36 -38.21 36.14
CA GLY A 30 13.10 -36.82 36.43
C GLY A 30 12.27 -36.13 35.38
N GLY A 31 11.33 -36.88 34.78
CA GLY A 31 10.48 -36.34 33.74
C GLY A 31 11.19 -36.28 32.40
N ARG A 32 10.53 -35.62 31.45
CA ARG A 32 11.03 -35.46 30.09
C ARG A 32 11.30 -33.97 29.85
N PHE A 33 12.58 -33.60 29.83
CA PHE A 33 12.97 -32.21 29.70
C PHE A 33 13.44 -31.89 28.28
N LYS A 34 13.54 -30.59 28.01
CA LYS A 34 14.04 -30.12 26.74
C LYS A 34 14.97 -28.93 26.96
N PHE A 35 14.37 -27.78 27.29
CA PHE A 35 15.14 -26.56 27.50
C PHE A 35 16.10 -26.72 28.67
N PRO A 36 17.18 -25.93 28.72
CA PRO A 36 17.63 -24.92 27.73
C PRO A 36 18.70 -25.42 26.76
N ASP A 37 18.91 -26.74 26.71
CA ASP A 37 19.95 -27.32 25.88
C ASP A 37 19.47 -28.43 24.96
N GLY A 38 18.17 -28.72 24.91
CA GLY A 38 17.66 -29.76 24.05
C GLY A 38 17.51 -29.34 22.61
N VAL A 39 18.18 -28.24 22.23
CA VAL A 39 18.07 -27.72 20.88
C VAL A 39 18.62 -28.73 19.89
N GLN A 40 17.85 -28.99 18.84
CA GLN A 40 18.21 -29.96 17.81
C GLN A 40 18.60 -29.30 16.50
N ASN A 41 18.33 -28.01 16.32
CA ASN A 41 18.57 -27.31 15.05
C ASN A 41 19.12 -25.92 15.37
N TRP A 42 20.44 -25.77 15.27
CA TRP A 42 21.09 -24.48 15.51
C TRP A 42 21.14 -23.62 14.26
N PRO A 43 21.32 -24.20 13.07
CA PRO A 43 21.23 -23.39 11.84
C PRO A 43 19.96 -22.56 11.77
N ALA A 44 18.85 -23.08 12.29
CA ALA A 44 17.61 -22.32 12.30
C ALA A 44 17.68 -21.14 13.25
N LEU A 45 18.44 -21.27 14.35
CA LEU A 45 18.58 -20.17 15.31
C LEU A 45 19.07 -18.91 14.62
N SER A 46 20.05 -19.03 13.72
CA SER A 46 20.61 -17.86 13.05
C SER A 46 19.54 -17.02 12.40
N ILE A 47 18.40 -17.61 12.05
CA ILE A 47 17.35 -16.87 11.39
C ILE A 47 16.78 -15.75 12.26
N VAL A 48 17.21 -15.64 13.51
CA VAL A 48 16.77 -14.53 14.36
C VAL A 48 17.02 -13.19 13.70
N ILE A 49 18.05 -13.11 12.86
CA ILE A 49 18.43 -11.87 12.19
C ILE A 49 17.21 -11.12 11.68
N ILE A 50 16.33 -11.81 10.95
CA ILE A 50 15.16 -11.16 10.38
C ILE A 50 14.20 -10.72 11.48
N ILE A 51 14.15 -11.45 12.59
CA ILE A 51 13.28 -11.05 13.69
C ILE A 51 13.69 -9.68 14.22
N ILE A 52 14.99 -9.47 14.41
CA ILE A 52 15.46 -8.19 14.95
C ILE A 52 15.13 -7.05 14.01
N MET A 53 15.13 -7.30 12.70
CA MET A 53 14.78 -6.26 11.75
C MET A 53 13.31 -5.88 11.85
N THR A 54 12.43 -6.84 12.10
CA THR A 54 10.99 -6.56 12.09
C THR A 54 10.60 -5.69 13.27
N ILE A 55 10.98 -6.11 14.49
CA ILE A 55 10.57 -5.38 15.69
C ILE A 55 11.01 -3.92 15.60
N GLY A 56 12.29 -3.70 15.31
CA GLY A 56 12.78 -2.33 15.21
C GLY A 56 12.24 -1.61 14.00
N GLY A 57 12.04 -2.31 12.88
CA GLY A 57 11.55 -1.67 11.68
C GLY A 57 10.26 -0.91 11.91
N ASN A 58 9.34 -1.51 12.66
CA ASN A 58 8.08 -0.83 12.95
C ASN A 58 8.23 0.19 14.06
N ILE A 59 9.14 -0.05 15.01
CA ILE A 59 9.39 0.92 16.07
C ILE A 59 9.78 2.27 15.46
N LEU A 60 10.65 2.24 14.47
CA LEU A 60 11.05 3.48 13.79
C LEU A 60 9.83 4.18 13.21
N VAL A 61 8.88 3.43 12.65
CA VAL A 61 7.67 4.04 12.13
C VAL A 61 6.87 4.67 13.26
N ILE A 62 6.73 3.95 14.38
CA ILE A 62 6.03 4.50 15.53
C ILE A 62 6.73 5.73 16.05
N MET A 63 8.06 5.77 15.96
CA MET A 63 8.80 6.98 16.32
C MET A 63 8.48 8.11 15.35
N ALA A 64 8.54 7.83 14.05
CA ALA A 64 8.31 8.86 13.04
C ALA A 64 6.96 9.53 13.24
N VAL A 65 5.90 8.74 13.42
CA VAL A 65 4.58 9.31 13.58
C VAL A 65 4.43 10.03 14.90
N SER A 66 5.28 9.71 15.88
CA SER A 66 5.20 10.34 17.20
C SER A 66 6.03 11.62 17.28
N MET A 67 7.31 11.53 16.92
CA MET A 67 8.22 12.67 17.06
C MET A 67 7.94 13.75 16.01
N GLU A 68 7.80 13.34 14.75
CA GLU A 68 7.67 14.30 13.66
C GLU A 68 6.34 15.05 13.76
N LYS A 69 6.41 16.38 13.69
CA LYS A 69 5.20 17.19 13.67
C LYS A 69 4.42 16.98 12.38
N LYS A 70 5.12 16.80 11.26
CA LYS A 70 4.46 16.68 9.96
C LYS A 70 3.67 15.38 9.84
N LEU A 71 4.14 14.29 10.46
CA LEU A 71 3.51 12.99 10.33
C LEU A 71 2.38 12.77 11.33
N HIS A 72 1.80 13.84 11.86
CA HIS A 72 0.60 13.74 12.69
C HIS A 72 -0.68 13.80 11.86
N ASN A 73 -0.63 13.30 10.62
CA ASN A 73 -1.79 13.23 9.75
C ASN A 73 -2.57 11.95 10.04
N ALA A 74 -3.87 11.98 9.70
CA ALA A 74 -4.74 10.84 9.99
C ALA A 74 -4.22 9.57 9.35
N THR A 75 -3.90 9.62 8.05
CA THR A 75 -3.41 8.42 7.37
C THR A 75 -2.15 7.89 8.02
N ASN A 76 -1.29 8.77 8.56
CA ASN A 76 -0.09 8.30 9.23
C ASN A 76 -0.43 7.59 10.54
N TYR A 77 -1.44 8.07 11.27
CA TYR A 77 -1.89 7.35 12.46
C TYR A 77 -2.34 5.93 12.12
N PHE A 78 -2.88 5.73 10.91
CA PHE A 78 -3.27 4.39 10.50
C PHE A 78 -2.03 3.54 10.19
N LEU A 79 -1.03 4.14 9.53
CA LEU A 79 0.23 3.44 9.33
C LEU A 79 0.85 3.03 10.65
N MET A 80 0.73 3.89 11.67
CA MET A 80 1.22 3.54 13.00
C MET A 80 0.49 2.32 13.53
N SER A 81 -0.84 2.31 13.42
CA SER A 81 -1.60 1.14 13.84
C SER A 81 -1.10 -0.11 13.13
N LEU A 82 -0.98 -0.04 11.81
CA LEU A 82 -0.36 -1.14 11.07
C LEU A 82 1.00 -1.50 11.68
N ALA A 83 1.82 -0.49 11.98
CA ALA A 83 3.13 -0.74 12.57
C ALA A 83 2.99 -1.48 13.89
N ILE A 84 1.97 -1.14 14.69
CA ILE A 84 1.75 -1.86 15.94
C ILE A 84 1.44 -3.31 15.65
N ALA A 85 0.59 -3.57 14.65
CA ALA A 85 0.26 -4.95 14.31
C ALA A 85 1.50 -5.71 13.85
N ASP A 86 2.25 -5.12 12.93
CA ASP A 86 3.42 -5.81 12.38
C ASP A 86 4.51 -5.97 13.44
N MET A 87 4.68 -4.98 14.32
CA MET A 87 5.67 -5.12 15.37
C MET A 87 5.33 -6.27 16.31
N LEU A 88 4.06 -6.41 16.67
CA LEU A 88 3.64 -7.48 17.56
C LEU A 88 3.80 -8.85 16.90
N VAL A 89 3.64 -8.92 15.58
CA VAL A 89 3.97 -10.14 14.85
C VAL A 89 5.40 -10.57 15.16
N GLY A 90 6.35 -9.66 14.91
CA GLY A 90 7.74 -9.96 15.18
C GLY A 90 8.07 -10.13 16.65
N LEU A 91 7.20 -9.62 17.53
CA LEU A 91 7.49 -9.62 18.96
C LEU A 91 6.94 -10.86 19.66
N LEU A 92 5.76 -11.35 19.25
CA LEU A 92 5.09 -12.42 19.97
C LEU A 92 4.83 -13.67 19.15
N VAL A 93 4.80 -13.57 17.82
CA VAL A 93 4.53 -14.72 16.97
C VAL A 93 5.82 -15.34 16.42
N MET A 94 6.74 -14.51 15.94
CA MET A 94 7.99 -15.03 15.40
C MET A 94 8.83 -15.76 16.44
N PRO A 95 9.08 -15.21 17.63
CA PRO A 95 9.98 -15.91 18.56
C PRO A 95 9.48 -17.28 18.95
N LEU A 96 8.17 -17.44 19.14
CA LEU A 96 7.62 -18.75 19.51
C LEU A 96 7.67 -19.74 18.34
N SER A 97 7.54 -19.26 17.10
CA SER A 97 7.77 -20.12 15.95
C SER A 97 9.23 -20.48 15.80
N LEU A 98 10.13 -19.63 16.29
CA LEU A 98 11.56 -19.95 16.27
C LEU A 98 11.88 -21.11 17.22
N LEU A 99 11.35 -21.05 18.45
CA LEU A 99 11.49 -22.18 19.37
C LEU A 99 10.96 -23.46 18.74
N ALA A 100 9.80 -23.40 18.09
CA ALA A 100 9.25 -24.58 17.43
C ALA A 100 10.26 -25.19 16.46
N ILE A 101 10.97 -24.34 15.71
CA ILE A 101 11.97 -24.84 14.78
C ILE A 101 13.20 -25.33 15.53
N LEU A 102 13.51 -24.70 16.66
CA LEU A 102 14.70 -25.10 17.41
C LEU A 102 14.62 -26.56 17.84
N TYR A 103 13.43 -27.02 18.21
CA TYR A 103 13.24 -28.36 18.74
C TYR A 103 12.59 -29.31 17.73
N ASP A 104 12.82 -29.05 16.44
CA ASP A 104 12.26 -29.87 15.37
C ASP A 104 10.74 -29.99 15.49
N TYR A 105 10.10 -28.86 15.77
CA TYR A 105 8.64 -28.78 15.79
C TYR A 105 8.03 -29.59 16.93
N VAL A 106 8.76 -29.74 18.03
CA VAL A 106 8.24 -30.37 19.25
C VAL A 106 8.01 -29.26 20.26
N TRP A 107 6.75 -29.04 20.63
CA TRP A 107 6.38 -27.92 21.47
C TRP A 107 7.08 -27.99 22.83
N PRO A 108 8.05 -27.11 23.11
CA PRO A 108 8.79 -27.22 24.37
C PRO A 108 8.12 -26.51 25.53
N LEU A 109 7.30 -25.52 25.23
CA LEU A 109 6.60 -24.74 26.23
C LEU A 109 5.39 -25.50 26.73
N PRO A 110 4.82 -25.08 27.88
CA PRO A 110 3.58 -25.73 28.36
C PRO A 110 2.53 -25.84 27.26
N ARG A 111 1.58 -26.75 27.45
CA ARG A 111 0.58 -27.00 26.42
C ARG A 111 -0.31 -25.78 26.21
N TYR A 112 -0.71 -25.12 27.30
CA TYR A 112 -1.67 -24.03 27.19
C TYR A 112 -1.13 -22.86 26.39
N LEU A 113 0.18 -22.76 26.21
CA LEU A 113 0.76 -21.60 25.54
C LEU A 113 0.71 -21.70 24.02
N CYS A 114 0.33 -22.85 23.45
CA CYS A 114 0.25 -22.92 22.00
C CYS A 114 -1.05 -22.32 21.48
N PRO A 115 -2.22 -22.75 21.95
CA PRO A 115 -3.46 -22.10 21.49
C PRO A 115 -3.43 -20.59 21.68
N VAL A 116 -2.74 -20.11 22.72
CA VAL A 116 -2.50 -18.68 22.87
C VAL A 116 -1.66 -18.17 21.72
N TRP A 117 -0.59 -18.90 21.40
CA TRP A 117 0.28 -18.49 20.28
C TRP A 117 -0.50 -18.44 18.98
N ILE A 118 -1.19 -19.54 18.64
CA ILE A 118 -1.89 -19.62 17.37
C ILE A 118 -2.89 -18.47 17.23
N SER A 119 -3.67 -18.22 18.29
CA SER A 119 -4.67 -17.15 18.23
C SER A 119 -4.02 -15.80 17.93
N LEU A 120 -2.90 -15.50 18.60
CA LEU A 120 -2.17 -14.28 18.30
C LEU A 120 -1.68 -14.25 16.86
N ASP A 121 -1.20 -15.40 16.37
CA ASP A 121 -0.78 -15.50 14.97
C ASP A 121 -1.90 -15.05 14.04
N VAL A 122 -3.10 -15.60 14.23
CA VAL A 122 -4.23 -15.26 13.35
C VAL A 122 -4.62 -13.80 13.53
N LEU A 123 -4.51 -13.28 14.75
CA LEU A 123 -4.93 -11.92 15.04
C LEU A 123 -4.05 -10.90 14.33
N PHE A 124 -2.79 -10.81 14.74
CA PHE A 124 -1.92 -9.77 14.19
C PHE A 124 -1.74 -9.95 12.69
N SER A 125 -1.62 -11.19 12.22
CA SER A 125 -1.47 -11.42 10.79
C SER A 125 -2.67 -10.88 10.03
N THR A 126 -3.88 -11.17 10.49
CA THR A 126 -5.07 -10.62 9.85
C THR A 126 -5.08 -9.10 9.97
N ALA A 127 -4.80 -8.58 11.16
CA ALA A 127 -4.71 -7.13 11.33
C ALA A 127 -3.78 -6.51 10.29
N SER A 128 -2.64 -7.15 10.05
CA SER A 128 -1.73 -6.69 9.01
C SER A 128 -2.41 -6.66 7.66
N ILE A 129 -3.08 -7.76 7.29
CA ILE A 129 -3.76 -7.82 6.00
C ILE A 129 -4.86 -6.78 5.92
N MET A 130 -5.79 -6.80 6.88
CA MET A 130 -6.90 -5.87 6.86
C MET A 130 -6.40 -4.43 6.76
N HIS A 131 -5.37 -4.07 7.54
CA HIS A 131 -4.79 -2.75 7.42
C HIS A 131 -4.37 -2.47 5.97
N LEU A 132 -3.56 -3.37 5.41
CA LEU A 132 -3.10 -3.18 4.03
C LEU A 132 -4.28 -2.96 3.10
N CYS A 133 -5.39 -3.69 3.30
CA CYS A 133 -6.56 -3.51 2.45
C CYS A 133 -7.13 -2.11 2.57
N ALA A 134 -7.24 -1.60 3.80
CA ALA A 134 -7.75 -0.25 4.00
C ALA A 134 -6.85 0.78 3.32
N ILE A 135 -5.54 0.58 3.41
CA ILE A 135 -4.60 1.50 2.77
C ILE A 135 -4.91 1.61 1.28
N SER A 136 -5.21 0.48 0.63
CA SER A 136 -5.59 0.50 -0.77
C SER A 136 -6.85 1.34 -0.98
N LEU A 137 -7.88 1.09 -0.17
CA LEU A 137 -9.13 1.83 -0.30
C LEU A 137 -8.90 3.32 -0.13
N ASP A 138 -8.23 3.72 0.96
CA ASP A 138 -7.97 5.13 1.21
C ASP A 138 -7.20 5.77 0.05
N ARG A 139 -6.17 5.08 -0.44
CA ARG A 139 -5.36 5.63 -1.53
C ARG A 139 -6.18 5.84 -2.79
N TYR A 140 -7.21 5.00 -3.02
CA TYR A 140 -8.07 5.19 -4.17
C TYR A 140 -8.92 6.44 -4.03
N VAL A 141 -9.55 6.62 -2.88
CA VAL A 141 -10.37 7.81 -2.65
C VAL A 141 -9.51 9.06 -2.78
N ALA A 142 -8.39 9.09 -2.06
CA ALA A 142 -7.51 10.26 -2.12
C ALA A 142 -7.06 10.55 -3.55
N ILE A 143 -6.97 9.52 -4.39
CA ILE A 143 -6.56 9.74 -5.77
C ILE A 143 -7.74 10.19 -6.62
N ARG A 144 -8.91 9.57 -6.43
CA ARG A 144 -10.07 9.91 -7.24
C ARG A 144 -10.50 11.36 -7.02
N ASN A 145 -10.80 11.72 -5.78
CA ASN A 145 -11.22 13.07 -5.41
C ASN A 145 -10.25 13.62 -4.38
N PRO A 146 -9.15 14.23 -4.81
CA PRO A 146 -8.17 14.76 -3.86
C PRO A 146 -8.66 15.94 -3.04
N ILE A 147 -9.91 16.38 -3.21
CA ILE A 147 -10.40 17.54 -2.50
C ILE A 147 -10.52 17.28 -1.00
N GLU A 148 -10.52 16.01 -0.58
CA GLU A 148 -10.57 15.69 0.84
C GLU A 148 -9.43 16.37 1.59
N HIS A 149 -9.63 16.54 2.90
CA HIS A 149 -8.62 17.13 3.77
C HIS A 149 -7.94 16.07 4.62
N ASN A 153 -11.78 16.22 14.55
CA ASN A 153 -12.87 15.56 13.83
C ASN A 153 -12.33 14.66 12.73
N SER A 154 -11.33 15.15 11.98
CA SER A 154 -10.71 14.32 10.95
C SER A 154 -10.07 13.08 11.55
N ARG A 155 -9.69 13.11 12.83
CA ARG A 155 -9.08 11.96 13.47
C ARG A 155 -10.12 10.93 13.92
N THR A 156 -11.34 11.37 14.26
CA THR A 156 -12.35 10.43 14.72
C THR A 156 -12.65 9.37 13.65
N LYS A 157 -12.61 9.77 12.38
CA LYS A 157 -12.79 8.79 11.31
C LYS A 157 -11.66 7.76 11.34
N ALA A 158 -10.41 8.24 11.47
CA ALA A 158 -9.28 7.32 11.54
C ALA A 158 -9.42 6.37 12.72
N ILE A 159 -9.84 6.88 13.88
CA ILE A 159 -10.10 6.04 15.03
C ILE A 159 -11.18 5.02 14.69
N MET A 160 -12.24 5.47 14.01
CA MET A 160 -13.30 4.56 13.59
C MET A 160 -12.74 3.43 12.73
N LYS A 161 -11.86 3.75 11.80
CA LYS A 161 -11.28 2.74 10.92
C LYS A 161 -10.42 1.75 11.70
N ILE A 162 -9.47 2.26 12.50
CA ILE A 162 -8.61 1.39 13.30
C ILE A 162 -9.46 0.43 14.11
N ALA A 163 -10.47 0.95 14.79
CA ALA A 163 -11.33 0.11 15.61
C ALA A 163 -11.95 -1.00 14.77
N ILE A 164 -12.55 -0.64 13.63
CA ILE A 164 -13.22 -1.63 12.80
C ILE A 164 -12.23 -2.68 12.32
N VAL A 165 -11.07 -2.24 11.83
CA VAL A 165 -10.06 -3.18 11.36
C VAL A 165 -9.69 -4.16 12.46
N TRP A 166 -9.40 -3.65 13.66
CA TRP A 166 -9.05 -4.54 14.76
C TRP A 166 -10.25 -5.39 15.19
N ALA A 167 -11.48 -4.88 15.04
CA ALA A 167 -12.64 -5.67 15.40
C ALA A 167 -12.80 -6.88 14.49
N ILE A 168 -12.64 -6.67 13.17
CA ILE A 168 -12.74 -7.78 12.23
C ILE A 168 -11.69 -8.85 12.55
N SER A 169 -10.43 -8.43 12.67
CA SER A 169 -9.36 -9.38 12.95
C SER A 169 -9.66 -10.19 14.21
N ILE A 170 -10.13 -9.53 15.27
CA ILE A 170 -10.47 -10.24 16.50
C ILE A 170 -11.52 -11.30 16.20
N GLY A 171 -12.54 -10.94 15.42
CA GLY A 171 -13.53 -11.91 15.01
C GLY A 171 -12.90 -13.13 14.39
N VAL A 172 -11.98 -12.92 13.45
CA VAL A 172 -11.31 -14.03 12.80
C VAL A 172 -10.48 -14.84 13.78
N SER A 173 -10.06 -14.24 14.90
CA SER A 173 -9.16 -14.91 15.82
C SER A 173 -9.88 -15.65 16.93
N VAL A 174 -11.07 -15.21 17.31
CA VAL A 174 -11.79 -15.81 18.44
C VAL A 174 -12.09 -17.28 18.19
N PRO A 175 -12.30 -17.75 16.95
CA PRO A 175 -12.53 -19.20 16.80
C PRO A 175 -11.43 -20.06 17.37
N ILE A 176 -10.19 -19.57 17.39
CA ILE A 176 -9.06 -20.34 17.90
C ILE A 176 -9.30 -20.69 19.36
N PRO A 177 -9.43 -19.71 20.26
CA PRO A 177 -9.71 -20.08 21.67
C PRO A 177 -10.96 -20.92 21.83
N VAL A 178 -12.05 -20.55 21.15
CA VAL A 178 -13.28 -21.33 21.23
C VAL A 178 -13.01 -22.78 20.87
N ILE A 179 -12.54 -23.02 19.64
CA ILE A 179 -12.33 -24.38 19.17
C ILE A 179 -11.30 -25.09 20.05
N GLY A 180 -10.20 -24.40 20.38
CA GLY A 180 -9.17 -25.02 21.19
C GLY A 180 -9.64 -25.35 22.59
N LEU A 181 -10.41 -24.45 23.20
CA LEU A 181 -10.88 -24.68 24.57
C LEU A 181 -11.87 -25.84 24.62
N ARG A 182 -12.77 -25.93 23.65
CA ARG A 182 -13.78 -26.97 23.66
C ARG A 182 -13.26 -28.31 23.14
N ASP A 183 -11.98 -28.40 22.78
CA ASP A 183 -11.36 -29.67 22.40
C ASP A 183 -9.85 -29.51 22.28
N GLU A 184 -9.09 -30.20 23.14
CA GLU A 184 -7.64 -30.05 23.16
C GLU A 184 -6.99 -30.67 21.92
N GLU A 185 -7.60 -31.72 21.36
CA GLU A 185 -7.00 -32.42 20.22
C GLU A 185 -6.88 -31.55 18.98
N LYS A 186 -7.52 -30.38 18.95
CA LYS A 186 -7.59 -29.58 17.74
C LYS A 186 -6.49 -28.53 17.63
N VAL A 187 -5.62 -28.42 18.64
CA VAL A 187 -4.54 -27.43 18.61
C VAL A 187 -3.17 -28.11 18.46
N PHE A 188 -2.92 -29.20 19.18
CA PHE A 188 -1.72 -29.99 19.02
C PHE A 188 -2.08 -31.46 19.14
N VAL A 189 -1.47 -32.29 18.30
CA VAL A 189 -2.04 -33.59 17.98
C VAL A 189 -1.37 -34.74 18.73
N ASN A 190 -0.07 -34.94 18.53
CA ASN A 190 0.62 -36.14 19.00
C ASN A 190 1.25 -35.93 20.37
N ASN A 191 0.68 -35.06 21.21
CA ASN A 191 1.27 -34.72 22.50
C ASN A 191 2.68 -34.19 22.32
N THR A 192 2.97 -33.65 21.14
CA THR A 192 4.31 -33.18 20.80
C THR A 192 4.23 -31.94 19.91
N THR A 193 3.80 -32.14 18.67
CA THR A 193 3.76 -31.07 17.68
C THR A 193 2.45 -30.32 17.76
N CYS A 194 2.52 -29.01 17.57
CA CYS A 194 1.33 -28.15 17.64
C CYS A 194 1.04 -27.59 16.25
N VAL A 195 -0.15 -27.90 15.73
CA VAL A 195 -0.56 -27.47 14.40
C VAL A 195 -2.08 -27.49 14.36
N LEU A 196 -2.65 -26.66 13.50
CA LEU A 196 -4.11 -26.62 13.34
C LEU A 196 -4.63 -27.97 12.89
N ASN A 197 -5.75 -28.38 13.45
CA ASN A 197 -6.32 -29.69 13.17
C ASN A 197 -7.79 -29.62 12.74
N ASP A 198 -8.34 -28.41 12.56
CA ASP A 198 -9.73 -28.23 12.16
C ASP A 198 -9.77 -27.74 10.71
N PRO A 199 -10.04 -28.61 9.73
CA PRO A 199 -10.02 -28.14 8.33
C PRO A 199 -11.10 -27.13 8.02
N ASN A 200 -12.24 -27.17 8.72
CA ASN A 200 -13.28 -26.18 8.48
C ASN A 200 -12.77 -24.76 8.74
N PHE A 201 -12.14 -24.56 9.90
CA PHE A 201 -11.60 -23.24 10.21
C PHE A 201 -10.59 -22.79 9.14
N VAL A 202 -9.66 -23.68 8.76
CA VAL A 202 -8.64 -23.33 7.77
C VAL A 202 -9.30 -22.79 6.51
N LEU A 203 -10.26 -23.54 5.96
CA LEU A 203 -10.99 -23.07 4.79
C LEU A 203 -11.62 -21.71 5.04
N ILE A 204 -12.47 -21.62 6.06
CA ILE A 204 -13.19 -20.38 6.34
C ILE A 204 -12.21 -19.25 6.62
N GLY A 205 -11.34 -19.43 7.62
CA GLY A 205 -10.39 -18.40 7.97
C GLY A 205 -9.61 -17.89 6.78
N SER A 206 -9.08 -18.80 5.96
CA SER A 206 -8.35 -18.40 4.77
C SER A 206 -9.25 -17.60 3.82
N PHE A 207 -10.48 -18.07 3.62
CA PHE A 207 -11.36 -17.41 2.66
C PHE A 207 -11.72 -16.00 3.11
N VAL A 208 -11.96 -15.80 4.41
CA VAL A 208 -12.45 -14.52 4.89
C VAL A 208 -11.31 -13.57 5.27
N ALA A 209 -10.19 -14.10 5.75
CA ALA A 209 -9.09 -13.27 6.20
C ALA A 209 -8.16 -12.83 5.07
N PHE A 210 -8.15 -13.54 3.94
CA PHE A 210 -7.23 -13.22 2.86
C PHE A 210 -7.92 -13.07 1.52
N PHE A 211 -8.75 -14.04 1.14
CA PHE A 211 -9.29 -14.06 -0.21
C PHE A 211 -10.34 -12.97 -0.43
N ILE A 212 -11.13 -12.64 0.58
CA ILE A 212 -12.07 -11.54 0.43
C ILE A 212 -11.28 -10.23 0.41
N PRO A 213 -10.38 -9.97 1.37
CA PRO A 213 -9.51 -8.78 1.24
C PRO A 213 -8.70 -8.76 -0.04
N LEU A 214 -8.25 -9.92 -0.52
CA LEU A 214 -7.51 -9.95 -1.78
C LEU A 214 -8.39 -9.44 -2.92
N THR A 215 -9.63 -9.93 -3.00
CA THR A 215 -10.54 -9.51 -4.06
C THR A 215 -10.75 -8.00 -4.03
N ILE A 216 -10.93 -7.44 -2.84
CA ILE A 216 -11.08 -6.00 -2.70
C ILE A 216 -9.84 -5.28 -3.21
N MET A 217 -8.65 -5.77 -2.84
CA MET A 217 -7.40 -5.13 -3.25
C MET A 217 -7.13 -5.30 -4.73
N VAL A 218 -7.66 -6.35 -5.36
CA VAL A 218 -7.50 -6.51 -6.79
C VAL A 218 -8.34 -5.49 -7.54
N ILE A 219 -9.64 -5.45 -7.24
CA ILE A 219 -10.53 -4.50 -7.90
C ILE A 219 -10.10 -3.08 -7.57
N THR A 220 -9.84 -2.81 -6.29
CA THR A 220 -9.41 -1.48 -5.88
C THR A 220 -8.18 -1.04 -6.67
N TYR A 221 -7.15 -1.89 -6.70
CA TYR A 221 -5.94 -1.54 -7.43
C TYR A 221 -6.24 -1.23 -8.89
N CYS A 222 -7.04 -2.08 -9.54
CA CYS A 222 -7.34 -1.88 -10.96
C CYS A 222 -8.03 -0.54 -11.19
N LEU A 223 -9.01 -0.20 -10.34
CA LEU A 223 -9.69 1.08 -10.47
C LEU A 223 -8.71 2.23 -10.27
N THR A 224 -7.83 2.13 -9.28
CA THR A 224 -6.92 3.22 -8.98
C THR A 224 -6.00 3.51 -10.17
N ILE A 225 -5.37 2.47 -10.72
CA ILE A 225 -4.48 2.66 -11.86
C ILE A 225 -5.27 3.17 -13.06
N TYR A 226 -6.53 2.76 -13.18
CA TYR A 226 -7.36 3.25 -14.28
C TYR A 226 -7.59 4.74 -14.16
N VAL A 227 -8.01 5.20 -12.98
CA VAL A 227 -8.20 6.63 -12.75
C VAL A 227 -6.91 7.38 -13.03
N LEU A 228 -5.78 6.84 -12.57
CA LEU A 228 -4.51 7.55 -12.71
C LEU A 228 -4.14 7.72 -14.18
N ARG A 229 -4.23 6.64 -14.96
CA ARG A 229 -3.91 6.73 -16.38
C ARG A 229 -4.86 7.68 -17.09
N ARG A 230 -6.12 7.71 -16.68
CA ARG A 230 -7.08 8.60 -17.31
C ARG A 230 -6.75 10.06 -17.03
N GLN A 231 -6.31 10.37 -15.82
CA GLN A 231 -5.91 11.73 -15.50
C GLN A 231 -4.68 12.15 -16.29
N ALA A 232 -3.73 11.24 -16.46
CA ALA A 232 -2.55 11.55 -17.25
C ALA A 232 -2.92 11.85 -18.70
N ALA A 233 -3.80 11.03 -19.29
CA ALA A 233 -4.22 11.26 -20.67
C ALA A 233 -4.92 12.60 -20.82
N ASP A 234 -5.66 13.03 -19.80
CA ASP A 234 -6.36 14.30 -19.89
C ASP A 234 -5.38 15.46 -19.95
N LEU A 235 -4.37 15.45 -19.09
CA LEU A 235 -3.36 16.51 -19.12
C LEU A 235 -2.62 16.52 -20.45
N GLU A 236 -2.25 15.34 -20.96
CA GLU A 236 -1.53 15.28 -22.23
C GLU A 236 -2.39 15.81 -23.37
N ASP A 237 -3.69 15.47 -23.37
CA ASP A 237 -4.57 15.95 -24.43
C ASP A 237 -4.73 17.47 -24.38
N ASN A 238 -4.84 18.03 -23.17
CA ASN A 238 -4.95 19.48 -23.05
C ASN A 238 -3.69 20.18 -23.56
N TRP A 239 -2.52 19.60 -23.29
CA TRP A 239 -1.28 20.21 -23.77
C TRP A 239 -1.18 20.14 -25.28
N GLU A 240 -1.59 19.00 -25.88
CA GLU A 240 -1.57 18.88 -27.33
C GLU A 240 -2.43 19.96 -27.99
N THR A 241 -3.65 20.15 -27.49
CA THR A 241 -4.54 21.17 -28.07
C THR A 241 -3.93 22.56 -27.93
N LEU A 242 -3.22 22.81 -26.83
CA LEU A 242 -2.56 24.12 -26.68
C LEU A 242 -1.50 24.33 -27.75
N ASN A 243 -0.84 23.26 -28.19
CA ASN A 243 0.17 23.38 -29.24
C ASN A 243 -0.50 23.44 -30.62
N ASP A 244 -1.41 22.51 -30.90
CA ASP A 244 -1.99 22.42 -32.23
C ASP A 244 -2.71 23.72 -32.61
N ASN A 245 -3.46 24.31 -31.68
CA ASN A 245 -4.18 25.55 -31.99
C ASN A 245 -3.22 26.69 -32.28
N LEU A 246 -2.07 26.73 -31.59
CA LEU A 246 -1.09 27.77 -31.88
C LEU A 246 -0.50 27.60 -33.29
N LYS A 247 -0.21 26.36 -33.69
CA LYS A 247 0.32 26.12 -35.02
C LYS A 247 -0.63 26.61 -36.10
N VAL A 248 -1.91 26.24 -35.99
CA VAL A 248 -2.88 26.66 -37.00
C VAL A 248 -3.15 28.16 -36.94
N ILE A 249 -2.90 28.80 -35.79
CA ILE A 249 -2.98 30.26 -35.73
C ILE A 249 -1.91 30.88 -36.60
N GLU A 250 -0.68 30.39 -36.48
CA GLU A 250 0.43 30.88 -37.29
C GLU A 250 0.27 30.50 -38.76
N LYS A 251 -0.59 29.53 -39.07
CA LYS A 251 -0.75 28.99 -40.42
C LYS A 251 -1.72 29.82 -41.25
N ALA A 252 -3.02 29.65 -40.99
CA ALA A 252 -4.05 30.24 -41.83
C ALA A 252 -4.01 31.77 -41.74
N ASP A 253 -4.99 32.43 -42.35
CA ASP A 253 -5.06 33.88 -42.39
C ASP A 253 -6.45 34.44 -42.09
N ASN A 254 -7.46 33.60 -41.93
CA ASN A 254 -8.81 34.09 -41.64
C ASN A 254 -8.90 34.58 -40.19
N ALA A 255 -9.48 35.78 -39.99
CA ALA A 255 -9.62 36.31 -38.65
C ALA A 255 -10.56 35.46 -37.80
N ALA A 256 -11.56 34.83 -38.44
CA ALA A 256 -12.43 33.90 -37.71
C ALA A 256 -11.73 32.59 -37.44
N GLN A 257 -10.79 32.19 -38.30
CA GLN A 257 -9.98 30.99 -38.01
C GLN A 257 -9.13 31.20 -36.77
N VAL A 258 -8.45 32.34 -36.69
CA VAL A 258 -7.69 32.66 -35.48
C VAL A 258 -8.63 32.73 -34.29
N LYS A 259 -9.85 33.25 -34.50
CA LYS A 259 -10.82 33.34 -33.42
C LYS A 259 -11.19 31.96 -32.88
N ASP A 260 -11.40 30.98 -33.78
CA ASP A 260 -11.77 29.64 -33.35
C ASP A 260 -10.61 28.95 -32.64
N ALA A 261 -9.46 28.87 -33.29
CA ALA A 261 -8.30 28.22 -32.68
C ALA A 261 -7.88 28.94 -31.40
N LEU A 262 -7.95 30.27 -31.39
CA LEU A 262 -7.55 31.02 -30.21
C LEU A 262 -8.52 30.86 -29.05
N THR A 263 -9.79 30.53 -29.35
CA THR A 263 -10.77 30.30 -28.30
C THR A 263 -10.70 28.88 -27.75
N LYS A 264 -10.35 27.91 -28.59
CA LYS A 264 -10.23 26.53 -28.10
C LYS A 264 -9.11 26.40 -27.10
N MET A 265 -8.10 27.27 -27.16
CA MET A 265 -7.02 27.23 -26.18
C MET A 265 -7.49 27.73 -24.82
N ARG A 266 -8.36 28.73 -24.79
CA ARG A 266 -8.86 29.24 -23.52
C ARG A 266 -9.55 28.14 -22.72
N ALA A 267 -10.26 27.24 -23.40
CA ALA A 267 -10.87 26.11 -22.72
C ALA A 267 -9.82 25.07 -22.34
N ALA A 268 -8.88 24.78 -23.24
CA ALA A 268 -7.83 23.83 -22.95
C ALA A 268 -6.98 24.26 -21.76
N ALA A 269 -6.87 25.58 -21.54
CA ALA A 269 -6.11 26.08 -20.40
C ALA A 269 -6.91 26.03 -19.11
N LEU A 270 -8.19 26.43 -19.16
CA LEU A 270 -9.03 26.34 -17.97
C LEU A 270 -9.26 24.89 -17.56
N ASP A 271 -9.31 23.97 -18.52
CA ASP A 271 -9.49 22.56 -18.20
C ASP A 271 -8.21 21.95 -17.63
N ALA A 272 -7.05 22.37 -18.14
CA ALA A 272 -5.80 21.85 -17.63
C ALA A 272 -5.47 22.43 -16.27
N GLN A 273 -5.97 23.64 -15.98
CA GLN A 273 -5.71 24.28 -14.69
C GLN A 273 -6.21 23.42 -13.54
N LYS A 274 -7.47 22.98 -13.62
CA LYS A 274 -8.06 22.15 -12.57
C LYS A 274 -7.51 20.74 -12.56
N ALA A 275 -6.51 20.41 -13.37
CA ALA A 275 -5.93 19.08 -13.39
C ALA A 275 -4.45 19.14 -13.01
N MET A 290 3.27 23.76 -6.34
CA MET A 290 2.58 23.50 -7.59
C MET A 290 1.62 24.62 -7.97
N LYS A 291 1.55 25.65 -7.13
CA LYS A 291 0.69 26.79 -7.43
C LYS A 291 1.20 27.61 -8.61
N ASP A 292 2.50 27.54 -8.91
CA ASP A 292 3.04 28.29 -10.04
C ASP A 292 2.51 27.77 -11.37
N PHE A 293 2.01 26.53 -11.42
CA PHE A 293 1.50 25.98 -12.67
C PHE A 293 0.08 26.49 -12.97
N ARG A 294 -0.83 26.34 -12.00
CA ARG A 294 -2.18 26.87 -12.19
C ARG A 294 -2.15 28.39 -12.39
N HIS A 295 -1.21 29.08 -11.73
CA HIS A 295 -1.04 30.50 -11.94
C HIS A 295 -0.50 30.78 -13.34
N GLY A 296 0.27 29.84 -13.91
CA GLY A 296 0.73 30.00 -15.28
C GLY A 296 -0.41 29.91 -16.28
N PHE A 297 -1.34 28.99 -16.06
CA PHE A 297 -2.54 28.94 -16.88
C PHE A 297 -3.40 30.19 -16.69
N ASP A 298 -3.31 30.81 -15.52
CA ASP A 298 -4.12 32.00 -15.23
C ASP A 298 -3.55 33.23 -15.90
N ILE A 299 -2.22 33.33 -16.05
CA ILE A 299 -1.63 34.52 -16.65
C ILE A 299 -1.62 34.42 -18.17
N LEU A 300 -1.57 33.20 -18.73
CA LEU A 300 -1.65 33.05 -20.18
C LEU A 300 -3.09 33.19 -20.68
N VAL A 301 -4.07 32.89 -19.82
CA VAL A 301 -5.46 33.16 -20.16
C VAL A 301 -5.65 34.64 -20.49
N GLY A 302 -5.00 35.52 -19.71
CA GLY A 302 -5.08 36.94 -19.99
C GLY A 302 -4.54 37.33 -21.35
N GLN A 303 -3.47 36.67 -21.79
CA GLN A 303 -2.96 36.90 -23.14
C GLN A 303 -3.91 36.36 -24.20
N ILE A 304 -4.67 35.31 -23.88
CA ILE A 304 -5.70 34.82 -24.79
C ILE A 304 -6.84 35.82 -24.88
N ASP A 305 -7.10 36.56 -23.80
CA ASP A 305 -8.14 37.60 -23.83
C ASP A 305 -7.70 38.77 -24.71
N ASP A 306 -6.46 39.23 -24.56
CA ASP A 306 -5.98 40.34 -25.37
C ASP A 306 -5.89 39.94 -26.83
N ALA A 307 -5.30 38.78 -27.13
CA ALA A 307 -5.19 38.32 -28.50
C ALA A 307 -6.56 38.07 -29.11
N LEU A 308 -7.51 37.59 -28.31
CA LEU A 308 -8.86 37.32 -28.82
C LEU A 308 -9.64 38.61 -29.05
N LYS A 309 -9.35 39.66 -28.27
CA LYS A 309 -9.95 40.96 -28.54
C LYS A 309 -9.48 41.53 -29.87
N LEU A 310 -8.17 41.46 -30.12
CA LEU A 310 -7.57 41.99 -31.34
C LEU A 310 -7.73 41.06 -32.54
N ALA A 311 -8.44 39.93 -32.39
CA ALA A 311 -8.63 38.97 -33.47
C ALA A 311 -9.94 39.16 -34.24
N ASN A 312 -10.96 39.71 -33.59
CA ASN A 312 -12.25 39.96 -34.24
C ASN A 312 -12.34 41.38 -34.77
N GLU A 313 -12.12 42.38 -33.92
CA GLU A 313 -12.21 43.77 -34.35
C GLU A 313 -10.92 44.28 -34.97
N GLY A 314 -9.79 43.62 -34.74
CA GLY A 314 -8.52 44.00 -35.31
C GLY A 314 -8.15 43.17 -36.51
N LYS A 315 -6.86 43.21 -36.85
CA LYS A 315 -6.33 42.48 -37.99
C LYS A 315 -5.73 41.14 -37.56
N VAL A 316 -5.70 40.21 -38.50
CA VAL A 316 -5.19 38.87 -38.23
C VAL A 316 -3.70 38.90 -37.91
N LYS A 317 -2.95 39.85 -38.48
CA LYS A 317 -1.50 39.87 -38.30
C LYS A 317 -1.13 40.16 -36.85
N GLU A 318 -1.86 41.08 -36.20
CA GLU A 318 -1.53 41.43 -34.83
C GLU A 318 -1.83 40.27 -33.88
N ALA A 319 -2.94 39.57 -34.11
CA ALA A 319 -3.27 38.42 -33.29
C ALA A 319 -2.21 37.33 -33.44
N GLN A 320 -1.85 37.00 -34.69
CA GLN A 320 -0.78 36.04 -34.91
C GLN A 320 0.52 36.47 -34.23
N ALA A 321 0.72 37.78 -34.08
CA ALA A 321 1.88 38.28 -33.35
C ALA A 321 1.70 38.07 -31.84
N ALA A 322 0.46 38.02 -31.36
CA ALA A 322 0.21 37.72 -29.95
C ALA A 322 0.35 36.23 -29.68
N ALA A 323 0.12 35.39 -30.68
CA ALA A 323 0.35 33.96 -30.53
C ALA A 323 1.81 33.63 -30.26
N GLU A 324 2.72 34.54 -30.62
CA GLU A 324 4.13 34.34 -30.31
C GLU A 324 4.38 34.49 -28.81
N GLN A 325 3.88 35.57 -28.22
CA GLN A 325 4.02 35.75 -26.78
C GLN A 325 3.35 34.61 -26.02
N LEU A 326 2.30 34.03 -26.59
CA LEU A 326 1.68 32.85 -25.99
C LEU A 326 2.61 31.65 -26.07
N LYS A 327 3.35 31.52 -27.18
CA LYS A 327 4.34 30.46 -27.30
C LYS A 327 5.34 30.51 -26.16
N THR A 328 5.85 31.71 -25.85
CA THR A 328 6.85 31.83 -24.80
C THR A 328 6.27 31.55 -23.43
N THR A 329 5.06 32.04 -23.16
CA THR A 329 4.44 31.80 -21.86
C THR A 329 4.12 30.32 -21.66
N ARG A 330 3.91 29.58 -22.76
CA ARG A 330 3.74 28.14 -22.65
C ARG A 330 5.06 27.45 -22.32
N ASN A 331 6.12 27.79 -23.05
CA ASN A 331 7.43 27.19 -22.82
C ASN A 331 7.97 27.52 -21.44
N ALA A 332 7.45 28.56 -20.78
CA ALA A 332 7.91 28.90 -19.44
C ALA A 332 7.51 27.85 -18.42
N TYR A 333 6.38 27.19 -18.63
CA TYR A 333 5.84 26.21 -17.70
C TYR A 333 5.84 24.79 -18.28
N ILE A 334 6.46 24.59 -19.44
CA ILE A 334 6.53 23.26 -20.02
C ILE A 334 7.24 22.30 -19.08
N GLN A 335 8.11 22.82 -18.22
CA GLN A 335 8.80 21.96 -17.26
C GLN A 335 7.87 21.55 -16.12
N LYS A 336 7.07 22.50 -15.62
CA LYS A 336 6.12 22.17 -14.56
C LYS A 336 5.07 21.17 -15.04
N TYR A 337 4.77 21.18 -16.33
CA TYR A 337 3.89 20.14 -16.89
C TYR A 337 4.57 18.78 -16.85
N LEU A 338 5.87 18.73 -17.13
CA LEU A 338 6.58 17.45 -17.15
C LEU A 338 6.70 16.86 -15.74
N GLN A 339 6.99 17.70 -14.75
CA GLN A 339 7.09 17.21 -13.38
C GLN A 339 5.72 16.78 -12.83
N ALA A 340 4.63 17.30 -13.40
CA ALA A 340 3.30 16.87 -12.98
C ALA A 340 2.99 15.48 -13.51
N ILE A 341 3.16 15.28 -14.81
CA ILE A 341 2.96 13.95 -15.39
C ILE A 341 3.93 12.95 -14.78
N ASN A 342 5.14 13.40 -14.45
CA ASN A 342 6.10 12.52 -13.79
C ASN A 342 5.58 12.04 -12.44
N ASN A 343 4.98 12.96 -11.67
CA ASN A 343 4.35 12.55 -10.41
C ASN A 343 3.27 11.51 -10.64
N GLU A 344 2.52 11.64 -11.74
CA GLU A 344 1.51 10.64 -12.07
C GLU A 344 2.14 9.26 -12.22
N ARG A 345 3.20 9.18 -13.02
CA ARG A 345 3.85 7.90 -13.26
C ARG A 345 4.56 7.37 -12.02
N LYS A 346 5.07 8.28 -11.17
CA LYS A 346 5.66 7.84 -9.91
C LYS A 346 4.62 7.14 -9.05
N ALA A 347 3.45 7.76 -8.87
CA ALA A 347 2.40 7.15 -8.06
C ALA A 347 1.98 5.80 -8.62
N SER A 348 1.89 5.69 -9.95
CA SER A 348 1.52 4.43 -10.57
C SER A 348 2.51 3.32 -10.20
N LYS A 349 3.80 3.64 -10.21
CA LYS A 349 4.81 2.63 -9.92
C LYS A 349 4.74 2.18 -8.46
N VAL A 350 4.58 3.13 -7.54
CA VAL A 350 4.53 2.78 -6.12
C VAL A 350 3.36 1.84 -5.84
N LEU A 351 2.19 2.16 -6.39
CA LEU A 351 1.02 1.31 -6.20
C LEU A 351 1.25 -0.08 -6.76
N GLY A 352 1.81 -0.17 -7.96
CA GLY A 352 2.11 -1.46 -8.54
C GLY A 352 3.08 -2.27 -7.70
N ILE A 353 4.01 -1.59 -7.02
CA ILE A 353 4.97 -2.29 -6.17
C ILE A 353 4.27 -2.88 -4.95
N VAL A 354 3.57 -2.04 -4.17
CA VAL A 354 2.99 -2.49 -2.91
C VAL A 354 2.01 -3.64 -3.15
N PHE A 355 1.22 -3.55 -4.22
CA PHE A 355 0.28 -4.62 -4.53
C PHE A 355 1.02 -5.89 -4.94
N PHE A 356 2.05 -5.75 -5.77
CA PHE A 356 2.83 -6.91 -6.17
C PHE A 356 3.44 -7.61 -4.96
N VAL A 357 4.05 -6.83 -4.05
CA VAL A 357 4.69 -7.41 -2.88
C VAL A 357 3.67 -8.17 -2.03
N PHE A 358 2.49 -7.59 -1.83
CA PHE A 358 1.46 -8.25 -1.05
C PHE A 358 1.11 -9.62 -1.65
N LEU A 359 0.95 -9.66 -2.97
CA LEU A 359 0.66 -10.94 -3.64
C LEU A 359 1.79 -11.93 -3.43
N ILE A 360 3.02 -11.52 -3.75
CA ILE A 360 4.16 -12.43 -3.69
C ILE A 360 4.33 -13.02 -2.29
N MET A 361 3.96 -12.27 -1.25
CA MET A 361 4.23 -12.69 0.11
C MET A 361 3.13 -13.61 0.67
N TRP A 362 1.87 -13.17 0.59
CA TRP A 362 0.80 -13.87 1.28
C TRP A 362 0.11 -14.92 0.40
N CYS A 363 0.16 -14.78 -0.93
CA CYS A 363 -0.52 -15.74 -1.79
C CYS A 363 0.00 -17.16 -1.61
N PRO A 364 1.30 -17.44 -1.60
CA PRO A 364 1.73 -18.84 -1.49
C PRO A 364 1.15 -19.56 -0.29
N PHE A 365 1.27 -18.96 0.90
CA PHE A 365 0.76 -19.63 2.10
C PHE A 365 -0.72 -19.97 1.94
N PHE A 366 -1.55 -18.95 1.71
CA PHE A 366 -3.00 -19.18 1.74
C PHE A 366 -3.45 -20.12 0.65
N ILE A 367 -2.84 -20.03 -0.54
CA ILE A 367 -3.22 -20.93 -1.62
C ILE A 367 -2.89 -22.38 -1.23
N THR A 368 -1.63 -22.64 -0.90
CA THR A 368 -1.24 -23.99 -0.49
C THR A 368 -2.03 -24.43 0.74
N ASN A 369 -2.26 -23.50 1.69
CA ASN A 369 -3.07 -23.83 2.86
C ASN A 369 -4.42 -24.37 2.44
N ILE A 370 -5.04 -23.74 1.45
CA ILE A 370 -6.31 -24.23 0.92
C ILE A 370 -6.12 -25.63 0.32
N LEU A 371 -5.10 -25.79 -0.52
CA LEU A 371 -4.90 -27.09 -1.16
C LEU A 371 -4.65 -28.19 -0.14
N SER A 372 -3.99 -27.86 0.97
CA SER A 372 -3.66 -28.89 1.95
C SER A 372 -4.91 -29.46 2.62
N VAL A 373 -6.01 -28.71 2.65
CA VAL A 373 -7.22 -29.18 3.32
C VAL A 373 -8.12 -29.86 2.31
N LEU A 374 -8.53 -29.15 1.27
CA LEU A 374 -9.49 -29.70 0.33
C LEU A 374 -8.88 -30.71 -0.65
N CYS A 375 -7.57 -30.87 -0.65
CA CYS A 375 -6.91 -31.89 -1.47
C CYS A 375 -6.25 -32.86 -0.49
N GLU A 376 -6.98 -33.91 -0.15
CA GLU A 376 -6.50 -34.92 0.79
C GLU A 376 -6.01 -36.19 0.10
N LYS A 377 -6.05 -36.23 -1.23
CA LYS A 377 -5.64 -37.43 -1.95
C LYS A 377 -4.68 -37.10 -3.08
N SER A 378 -5.15 -36.36 -4.07
CA SER A 378 -4.38 -36.14 -5.29
C SER A 378 -3.04 -35.47 -5.00
N CYS A 379 -3.03 -34.48 -4.12
CA CYS A 379 -1.83 -33.69 -3.89
C CYS A 379 -0.90 -34.37 -2.89
N ASN A 380 0.39 -34.08 -3.04
CA ASN A 380 1.41 -34.68 -2.17
C ASN A 380 1.36 -34.01 -0.81
N GLN A 381 1.19 -34.81 0.26
CA GLN A 381 0.97 -34.22 1.57
C GLN A 381 2.30 -33.90 2.26
N LYS A 382 3.29 -34.77 2.09
CA LYS A 382 4.58 -34.54 2.74
C LYS A 382 5.24 -33.27 2.19
N LEU A 383 5.22 -33.10 0.87
CA LEU A 383 5.74 -31.87 0.27
C LEU A 383 4.90 -30.67 0.64
N MET A 384 3.58 -30.87 0.83
CA MET A 384 2.70 -29.78 1.24
C MET A 384 3.17 -29.17 2.55
N GLU A 385 3.43 -30.01 3.55
CA GLU A 385 3.95 -29.50 4.82
C GLU A 385 5.32 -28.85 4.63
N LYS A 386 6.16 -29.44 3.77
CA LYS A 386 7.49 -28.88 3.53
C LYS A 386 7.40 -27.47 2.97
N LEU A 387 6.45 -27.23 2.07
CA LEU A 387 6.28 -25.90 1.49
C LEU A 387 5.66 -24.94 2.51
N LEU A 388 4.57 -25.36 3.15
CA LEU A 388 3.88 -24.49 4.10
C LEU A 388 4.82 -23.98 5.17
N ASN A 389 5.74 -24.82 5.65
CA ASN A 389 6.68 -24.39 6.68
C ASN A 389 7.45 -23.15 6.24
N VAL A 390 7.77 -23.04 4.95
CA VAL A 390 8.50 -21.88 4.45
C VAL A 390 7.55 -20.72 4.13
N PHE A 391 6.39 -21.03 3.53
CA PHE A 391 5.45 -19.99 3.16
C PHE A 391 4.88 -19.28 4.39
N VAL A 392 4.88 -19.96 5.53
CA VAL A 392 4.48 -19.31 6.77
C VAL A 392 5.42 -18.15 7.08
N TRP A 393 6.73 -18.40 7.06
CA TRP A 393 7.69 -17.35 7.36
C TRP A 393 7.79 -16.31 6.26
N ILE A 394 7.36 -16.64 5.05
CA ILE A 394 7.24 -15.61 4.01
C ILE A 394 6.17 -14.60 4.39
N GLY A 395 4.99 -15.09 4.81
CA GLY A 395 3.98 -14.18 5.33
C GLY A 395 4.50 -13.36 6.49
N TYR A 396 5.32 -13.96 7.35
CA TYR A 396 5.93 -13.23 8.45
C TYR A 396 6.81 -12.10 7.92
N VAL A 397 7.67 -12.42 6.94
CA VAL A 397 8.58 -11.41 6.40
C VAL A 397 7.83 -10.22 5.85
N ASN A 398 6.62 -10.42 5.33
CA ASN A 398 5.82 -9.30 4.84
C ASN A 398 5.60 -8.27 5.94
N SER A 399 5.39 -8.73 7.17
CA SER A 399 5.22 -7.81 8.29
C SER A 399 6.43 -6.91 8.45
N GLY A 400 7.63 -7.41 8.16
CA GLY A 400 8.82 -6.59 8.24
C GLY A 400 9.10 -5.79 6.99
N ILE A 401 8.51 -6.18 5.87
CA ILE A 401 8.69 -5.45 4.63
C ILE A 401 7.86 -4.17 4.62
N ASN A 402 6.69 -4.19 5.24
CA ASN A 402 5.81 -3.02 5.20
C ASN A 402 6.51 -1.75 5.66
N PRO A 403 7.17 -1.70 6.81
CA PRO A 403 7.91 -0.46 7.14
C PRO A 403 8.98 -0.13 6.11
N LEU A 404 9.78 -1.13 5.72
CA LEU A 404 10.80 -0.92 4.70
C LEU A 404 10.21 -0.43 3.39
N VAL A 405 8.89 -0.59 3.20
CA VAL A 405 8.25 -0.11 1.98
C VAL A 405 7.89 1.36 2.09
N TYR A 406 7.30 1.76 3.22
CA TYR A 406 6.86 3.13 3.41
C TYR A 406 7.98 4.07 3.84
N THR A 407 9.21 3.60 3.89
CA THR A 407 10.38 4.45 4.08
C THR A 407 11.16 4.69 2.80
N LEU A 408 11.12 3.73 1.86
CA LEU A 408 11.86 3.86 0.60
C LEU A 408 11.30 4.96 -0.29
N PHE A 409 10.03 5.33 -0.13
CA PHE A 409 9.37 6.26 -1.04
C PHE A 409 9.01 7.59 -0.40
N ASN A 410 8.84 7.65 0.92
CA ASN A 410 8.47 8.88 1.60
C ASN A 410 9.72 9.57 2.12
N LYS A 411 9.91 10.83 1.71
CA LYS A 411 11.09 11.58 2.13
C LYS A 411 11.10 11.81 3.64
N ILE A 412 9.92 12.04 4.23
CA ILE A 412 9.85 12.34 5.65
C ILE A 412 10.30 11.13 6.46
N TYR A 413 9.87 9.93 6.06
CA TYR A 413 10.29 8.72 6.74
C TYR A 413 11.76 8.41 6.51
N ARG A 414 12.27 8.72 5.32
CA ARG A 414 13.69 8.50 5.04
C ARG A 414 14.57 9.31 5.98
N ARG A 415 14.33 10.62 6.07
CA ARG A 415 15.12 11.46 6.97
C ARG A 415 14.78 11.20 8.43
N ALA A 416 13.55 10.79 8.71
CA ALA A 416 13.19 10.44 10.09
C ALA A 416 13.92 9.17 10.54
N PHE A 417 13.99 8.17 9.66
CA PHE A 417 14.73 6.95 9.98
C PHE A 417 16.22 7.22 10.04
N SER A 418 16.75 7.96 9.06
CA SER A 418 18.17 8.29 9.06
C SER A 418 18.59 9.07 10.29
N ASN A 419 17.66 9.74 10.97
CA ASN A 419 17.96 10.47 12.19
C ASN A 419 17.77 9.63 13.45
N TYR A 420 16.78 8.72 13.44
CA TYR A 420 16.57 7.87 14.62
C TYR A 420 17.68 6.83 14.75
N LEU A 421 18.28 6.42 13.64
CA LEU A 421 19.36 5.44 13.69
C LEU A 421 20.68 6.05 14.13
N ARG A 422 20.94 7.30 13.75
CA ARG A 422 22.19 7.97 14.12
C ARG A 422 22.08 8.72 15.44
N CYS A 423 20.88 9.18 15.81
CA CYS A 423 20.72 9.84 17.11
C CYS A 423 21.01 8.89 18.25
N ASN A 424 20.70 7.61 18.08
CA ASN A 424 20.97 6.61 19.11
C ASN A 424 20.96 5.20 18.52
C1 ERM B . -4.24 -14.74 9.42
N1 ERM B . -5.52 -15.05 9.14
O1 ERM B . -1.22 -22.30 9.71
C10 ERM B . -5.17 -19.18 9.10
C11 ERM B . -6.47 -18.70 8.83
C12 ERM B . -6.72 -17.28 8.81
C13 ERM B . -5.68 -16.45 9.07
C14 ERM B . -4.39 -16.92 9.34
C15 ERM B . 0.91 -17.32 9.27
C16 ERM B . -0.66 -21.68 10.59
C17 ERM B . 0.67 -23.61 11.50
C18 ERM B . -0.45 -24.60 11.29
C19 ERM B . -0.95 -26.29 9.60
N2 ERM B . -0.22 -17.88 10.05
C2 ERM B . -3.48 -15.87 9.55
O2 ERM B . 1.59 -23.91 10.45
C20 ERM B . -0.05 -27.38 8.98
C21 ERM B . 2.24 -28.12 8.32
C22 ERM B . 3.41 -27.32 7.78
C23 ERM B . 3.25 -25.89 8.38
C24 ERM B . 2.03 -26.05 9.30
C25 ERM B . 1.11 -24.85 9.49
C26 ERM B . 1.26 -23.76 12.89
C27 ERM B . -1.95 -25.85 8.56
C28 ERM B . -2.99 -26.87 8.16
C29 ERM B . -3.85 -27.39 9.15
C3 ERM B . -2.04 -16.12 9.87
N3 ERM B . 0.22 -22.21 11.47
O3 ERM B . -1.41 -24.74 12.01
C30 ERM B . -4.84 -28.34 8.83
C31 ERM B . -4.96 -28.79 7.51
C32 ERM B . -4.10 -28.28 6.52
C33 ERM B . -3.12 -27.32 6.83
C4 ERM B . -1.58 -17.57 9.43
N4 ERM B . -0.13 -25.24 10.15
O4 ERM B . -0.53 -28.44 8.56
C5 ERM B . 0.14 -19.34 10.18
N5 ERM B . 1.26 -27.20 8.88
O5 ERM B . 0.84 -24.21 8.29
C6 ERM B . -0.98 -20.17 10.77
C7 ERM B . -2.36 -19.81 10.29
C8 ERM B . -2.64 -18.67 9.66
C9 ERM B . -4.08 -18.31 9.36
C24 OLC C . 1.80 -28.77 -5.41
C4 OLC C . 1.72 -20.14 -5.68
C3 OLC C . 2.29 -21.52 -5.40
C2 OLC C . 1.33 -22.61 -5.84
C21 OLC C . 1.96 -26.31 -5.89
C1 OLC C . 1.94 -23.96 -5.53
C22 OLC C . 1.24 -27.39 -5.09
O19 OLC C . 3.07 -24.04 -5.09
O25 OLC C . 1.20 -29.72 -4.54
O23 OLC C . 1.43 -27.14 -3.70
O20 OLC C . 1.26 -25.08 -5.73
#